data_5S9O
#
_entry.id   5S9O
#
_cell.length_a   134.270
_cell.length_b   134.270
_cell.length_c   134.270
_cell.angle_alpha   90.000
_cell.angle_beta   90.000
_cell.angle_gamma   90.000
#
_symmetry.space_group_name_H-M   'I 2 3'
#
loop_
_entity.id
_entity.type
_entity.pdbx_description
1 polymer 'Bromodomain-containing protein 2'
2 non-polymer 9-(cyclopropylmethyl)-7-[(2R,6S)-2,6-dimethylmorpholine-4-carbonyl]-3-(3,5-dimethyl-1,2-oxazol-4-yl)-9H-carbazole-1-carboxamide
3 non-polymer 1,2-ETHANEDIOL
4 water water
#
_entity_poly.entity_id   1
_entity_poly.type   'polypeptide(L)'
_entity_poly.pdbx_seq_one_letter_code
;MGSSHHHHHHSSGETVRFQGHMGRVTNQLQYLHKVVMKALWKHQFAWPFRQPVDAVKLGLPDYHKIIKQPMDMGTIKRRL
ENNYYWAASECMQDFNTMFTNCYIYNKPTDDIVLMAQTLEKIFLQKVASMPQEEQELVVTIPKN
;
_entity_poly.pdbx_strand_id   A,B
#
# COMPACT_ATOMS: atom_id res chain seq x y z
N GLY A 20 -7.26 22.52 15.08
CA GLY A 20 -6.74 23.21 13.90
C GLY A 20 -6.81 22.42 12.62
N HIS A 21 -7.92 21.70 12.41
CA HIS A 21 -8.14 20.91 11.19
C HIS A 21 -9.61 20.87 10.82
N MET A 22 -9.90 20.67 9.52
CA MET A 22 -11.27 20.57 8.99
C MET A 22 -11.25 19.74 7.71
N GLY A 23 -12.39 19.17 7.36
CA GLY A 23 -12.50 18.30 6.20
C GLY A 23 -13.54 18.74 5.22
N ARG A 24 -13.72 17.94 4.18
CA ARG A 24 -14.66 18.22 3.11
C ARG A 24 -15.06 16.97 2.34
N VAL A 25 -15.93 17.13 1.35
CA VAL A 25 -16.39 16.05 0.49
C VAL A 25 -15.79 16.27 -0.90
N THR A 26 -14.95 15.34 -1.36
CA THR A 26 -14.35 15.39 -2.70
C THR A 26 -14.81 14.14 -3.42
N ASN A 27 -14.65 14.08 -4.75
CA ASN A 27 -15.05 12.91 -5.55
C ASN A 27 -14.24 11.65 -5.17
N GLN A 28 -12.94 11.84 -4.86
CA GLN A 28 -12.03 10.76 -4.47
C GLN A 28 -12.36 10.24 -3.07
N LEU A 29 -12.67 11.16 -2.11
CA LEU A 29 -13.07 10.80 -0.75
C LEU A 29 -14.39 10.05 -0.72
N GLN A 30 -15.35 10.44 -1.59
CA GLN A 30 -16.66 9.79 -1.74
C GLN A 30 -16.46 8.39 -2.33
N TYR A 31 -15.51 8.25 -3.28
CA TYR A 31 -15.15 6.95 -3.89
C TYR A 31 -14.54 6.04 -2.79
N LEU A 32 -13.65 6.59 -1.95
CA LEU A 32 -13.02 5.85 -0.85
C LEU A 32 -14.05 5.31 0.16
N HIS A 33 -15.14 6.06 0.38
CA HIS A 33 -16.23 5.72 1.27
C HIS A 33 -17.20 4.73 0.64
N LYS A 34 -17.80 5.12 -0.50
CA LYS A 34 -18.83 4.35 -1.21
C LYS A 34 -18.33 3.12 -1.95
N VAL A 35 -17.08 3.12 -2.45
CA VAL A 35 -16.55 1.98 -3.20
C VAL A 35 -15.54 1.15 -2.37
N VAL A 36 -14.42 1.77 -1.98
CA VAL A 36 -13.29 1.13 -1.27
C VAL A 36 -13.70 0.54 0.08
N MET A 37 -14.22 1.39 1.01
CA MET A 37 -14.65 0.97 2.35
C MET A 37 -15.80 -0.07 2.28
N LYS A 38 -16.70 0.05 1.29
CA LYS A 38 -17.79 -0.91 1.10
C LYS A 38 -17.25 -2.30 0.76
N ALA A 39 -16.22 -2.40 -0.08
CA ALA A 39 -15.63 -3.69 -0.48
C ALA A 39 -14.85 -4.33 0.66
N LEU A 40 -14.15 -3.51 1.46
CA LEU A 40 -13.28 -3.97 2.53
C LEU A 40 -13.97 -4.31 3.83
N TRP A 41 -14.96 -3.48 4.27
CA TRP A 41 -15.69 -3.64 5.52
C TRP A 41 -16.40 -4.98 5.70
N LYS A 42 -17.02 -5.47 4.61
CA LYS A 42 -17.85 -6.69 4.55
C LYS A 42 -17.06 -8.00 4.26
N HIS A 43 -15.77 -7.88 3.94
CA HIS A 43 -14.89 -8.99 3.59
C HIS A 43 -14.72 -9.96 4.76
N GLN A 44 -14.60 -11.25 4.42
CA GLN A 44 -14.37 -12.37 5.31
C GLN A 44 -13.24 -12.08 6.34
N PHE A 45 -12.13 -11.44 5.87
CA PHE A 45 -10.91 -11.16 6.63
C PHE A 45 -10.88 -9.79 7.31
N ALA A 46 -11.94 -8.99 7.21
CA ALA A 46 -12.01 -7.64 7.78
C ALA A 46 -12.10 -7.54 9.29
N TRP A 47 -12.77 -8.51 9.96
CA TRP A 47 -13.08 -8.45 11.40
C TRP A 47 -11.88 -8.02 12.31
N PRO A 48 -10.59 -8.44 12.18
CA PRO A 48 -9.57 -7.92 13.15
C PRO A 48 -9.22 -6.45 12.96
N PHE A 49 -9.53 -5.92 11.75
CA PHE A 49 -9.23 -4.57 11.30
C PHE A 49 -10.37 -3.55 11.54
N ARG A 50 -11.56 -4.03 11.93
CA ARG A 50 -12.73 -3.18 12.16
C ARG A 50 -12.68 -2.31 13.43
N GLN A 51 -11.72 -2.56 14.30
CA GLN A 51 -11.59 -1.81 15.55
C GLN A 51 -10.12 -1.75 15.96
N PRO A 52 -9.70 -0.83 16.87
CA PRO A 52 -8.26 -0.75 17.18
C PRO A 52 -7.68 -2.04 17.74
N VAL A 53 -6.37 -2.29 17.46
CA VAL A 53 -5.66 -3.46 18.02
C VAL A 53 -5.74 -3.32 19.54
N ASP A 54 -6.26 -4.37 20.23
CA ASP A 54 -6.38 -4.40 21.69
C ASP A 54 -5.21 -5.23 22.22
N ALA A 55 -4.10 -4.55 22.51
CA ALA A 55 -2.84 -5.16 22.94
C ALA A 55 -2.92 -5.89 24.28
N VAL A 56 -3.78 -5.43 25.21
CA VAL A 56 -3.96 -6.11 26.51
C VAL A 56 -4.70 -7.45 26.26
N LYS A 57 -5.81 -7.43 25.49
CA LYS A 57 -6.59 -8.63 25.15
C LYS A 57 -5.73 -9.67 24.42
N LEU A 58 -4.83 -9.20 23.55
CA LEU A 58 -3.98 -10.04 22.70
C LEU A 58 -2.69 -10.51 23.38
N GLY A 59 -2.30 -9.85 24.49
CA GLY A 59 -1.09 -10.13 25.24
C GLY A 59 0.17 -9.63 24.53
N LEU A 60 0.12 -8.40 23.99
CA LEU A 60 1.21 -7.77 23.23
C LEU A 60 1.71 -6.47 23.95
N PRO A 61 2.46 -6.57 25.10
CA PRO A 61 2.86 -5.34 25.83
C PRO A 61 3.83 -4.39 25.13
N ASP A 62 4.48 -4.85 24.04
CA ASP A 62 5.42 -4.03 23.25
C ASP A 62 4.76 -3.32 22.07
N TYR A 63 3.48 -3.63 21.77
CA TYR A 63 2.76 -3.08 20.62
C TYR A 63 2.79 -1.56 20.52
N HIS A 64 2.40 -0.85 21.61
CA HIS A 64 2.38 0.61 21.62
C HIS A 64 3.77 1.23 21.76
N LYS A 65 4.80 0.43 22.11
CA LYS A 65 6.19 0.91 22.14
C LYS A 65 6.74 0.91 20.70
N ILE A 66 6.40 -0.13 19.91
CA ILE A 66 6.81 -0.28 18.50
C ILE A 66 5.95 0.55 17.54
N ILE A 67 4.60 0.43 17.66
CA ILE A 67 3.65 1.11 16.78
C ILE A 67 3.26 2.47 17.38
N LYS A 68 3.73 3.55 16.74
CA LYS A 68 3.52 4.93 17.18
C LYS A 68 2.22 5.55 16.67
N GLN A 69 1.69 5.04 15.54
CA GLN A 69 0.45 5.56 14.95
C GLN A 69 -0.52 4.42 14.65
N PRO A 70 -1.22 3.89 15.70
CA PRO A 70 -2.21 2.82 15.44
C PRO A 70 -3.32 3.34 14.53
N MET A 71 -3.86 2.45 13.68
CA MET A 71 -4.93 2.77 12.74
C MET A 71 -5.72 1.49 12.47
N ASP A 72 -7.03 1.66 12.21
CA ASP A 72 -7.98 0.58 11.93
C ASP A 72 -9.09 1.12 11.01
N MET A 73 -9.90 0.23 10.40
CA MET A 73 -10.99 0.56 9.48
C MET A 73 -12.18 1.29 10.13
N GLY A 74 -12.45 0.99 11.41
CA GLY A 74 -13.52 1.65 12.17
C GLY A 74 -13.30 3.14 12.29
N THR A 75 -12.04 3.53 12.61
CA THR A 75 -11.57 4.93 12.70
C THR A 75 -11.67 5.59 11.32
N ILE A 76 -11.21 4.90 10.25
CA ILE A 76 -11.26 5.43 8.87
C ILE A 76 -12.72 5.67 8.45
N LYS A 77 -13.62 4.68 8.68
CA LYS A 77 -15.05 4.73 8.35
C LYS A 77 -15.71 5.93 9.04
N ARG A 78 -15.51 6.06 10.35
CA ARG A 78 -16.05 7.14 11.18
C ARG A 78 -15.54 8.50 10.65
N ARG A 79 -14.24 8.59 10.31
CA ARG A 79 -13.63 9.79 9.74
C ARG A 79 -14.26 10.15 8.38
N LEU A 80 -14.58 9.15 7.55
CA LEU A 80 -15.22 9.38 6.25
C LEU A 80 -16.66 9.86 6.43
N GLU A 81 -17.40 9.26 7.39
CA GLU A 81 -18.78 9.61 7.72
C GLU A 81 -18.95 11.03 8.29
N ASN A 82 -17.93 11.52 9.03
CA ASN A 82 -17.94 12.84 9.67
C ASN A 82 -17.18 13.90 8.88
N ASN A 83 -16.81 13.60 7.62
CA ASN A 83 -16.07 14.52 6.74
C ASN A 83 -14.82 15.12 7.44
N TYR A 84 -14.00 14.26 8.05
CA TYR A 84 -12.80 14.65 8.81
C TYR A 84 -11.62 15.03 7.90
N TYR A 85 -11.53 14.37 6.73
CA TYR A 85 -10.42 14.56 5.80
C TYR A 85 -10.60 15.74 4.87
N TRP A 86 -9.51 16.50 4.64
CA TRP A 86 -9.43 17.63 3.70
C TRP A 86 -9.18 17.07 2.27
N ALA A 87 -8.38 16.01 2.16
CA ALA A 87 -8.00 15.41 0.90
C ALA A 87 -7.91 13.89 1.02
N ALA A 88 -8.20 13.19 -0.10
CA ALA A 88 -8.15 11.73 -0.25
C ALA A 88 -6.81 11.12 0.12
N SER A 89 -5.69 11.86 -0.07
CA SER A 89 -4.33 11.43 0.27
C SER A 89 -4.18 11.12 1.77
N GLU A 90 -4.88 11.88 2.63
CA GLU A 90 -4.88 11.71 4.09
C GLU A 90 -5.57 10.40 4.47
N CYS A 91 -6.69 10.08 3.79
CA CYS A 91 -7.43 8.84 3.99
C CYS A 91 -6.62 7.62 3.49
N MET A 92 -5.94 7.77 2.34
CA MET A 92 -5.09 6.73 1.72
C MET A 92 -3.87 6.43 2.61
N GLN A 93 -3.36 7.46 3.30
CA GLN A 93 -2.28 7.33 4.26
C GLN A 93 -2.72 6.48 5.46
N ASP A 94 -3.96 6.69 5.97
CA ASP A 94 -4.51 5.92 7.08
C ASP A 94 -4.59 4.43 6.74
N PHE A 95 -5.04 4.10 5.50
CA PHE A 95 -5.09 2.71 5.02
C PHE A 95 -3.69 2.10 4.97
N ASN A 96 -2.73 2.84 4.38
CA ASN A 96 -1.34 2.44 4.28
C ASN A 96 -0.72 2.15 5.66
N THR A 97 -0.95 3.05 6.64
CA THR A 97 -0.48 2.92 8.02
C THR A 97 -1.05 1.64 8.70
N MET A 98 -2.36 1.40 8.56
CA MET A 98 -3.04 0.23 9.10
C MET A 98 -2.38 -1.09 8.60
N PHE A 99 -2.16 -1.21 7.28
CA PHE A 99 -1.56 -2.40 6.66
C PHE A 99 -0.09 -2.59 7.08
N THR A 100 0.72 -1.51 6.96
CA THR A 100 2.14 -1.47 7.31
C THR A 100 2.38 -1.79 8.79
N ASN A 101 1.53 -1.27 9.72
CA ASN A 101 1.63 -1.56 11.15
C ASN A 101 1.59 -3.05 11.38
N CYS A 102 0.63 -3.72 10.72
CA CYS A 102 0.37 -5.15 10.77
C CYS A 102 1.57 -5.98 10.32
N TYR A 103 2.14 -5.65 9.12
CA TYR A 103 3.30 -6.37 8.58
C TYR A 103 4.57 -6.18 9.39
N ILE A 104 4.87 -4.96 9.84
CA ILE A 104 6.10 -4.67 10.56
C ILE A 104 6.09 -5.22 11.97
N TYR A 105 4.94 -5.15 12.67
CA TYR A 105 4.86 -5.66 14.03
C TYR A 105 4.87 -7.20 14.12
N ASN A 106 4.06 -7.85 13.29
CA ASN A 106 3.85 -9.28 13.38
C ASN A 106 4.93 -10.16 12.76
N LYS A 107 4.87 -11.45 13.10
CA LYS A 107 5.78 -12.48 12.62
C LYS A 107 5.34 -12.87 11.22
N PRO A 108 6.28 -13.11 10.29
CA PRO A 108 5.88 -13.48 8.91
C PRO A 108 4.97 -14.71 8.75
N THR A 109 4.96 -15.62 9.74
CA THR A 109 4.17 -16.86 9.76
C THR A 109 2.78 -16.69 10.42
N ASP A 110 2.50 -15.49 11.00
CA ASP A 110 1.19 -15.21 11.58
C ASP A 110 0.15 -15.05 10.46
N ASP A 111 -1.03 -15.68 10.60
CA ASP A 111 -2.10 -15.63 9.61
C ASP A 111 -2.67 -14.25 9.41
N ILE A 112 -2.56 -13.36 10.42
CA ILE A 112 -3.00 -11.96 10.35
C ILE A 112 -2.36 -11.23 9.16
N VAL A 113 -1.09 -11.57 8.84
CA VAL A 113 -0.28 -11.02 7.75
C VAL A 113 -0.93 -11.32 6.41
N LEU A 114 -1.35 -12.58 6.19
CA LEU A 114 -2.02 -13.02 4.96
C LEU A 114 -3.41 -12.35 4.82
N MET A 115 -4.11 -12.14 5.94
CA MET A 115 -5.41 -11.45 5.98
C MET A 115 -5.20 -10.01 5.53
N ALA A 116 -4.14 -9.31 6.02
CA ALA A 116 -3.84 -7.92 5.63
C ALA A 116 -3.49 -7.84 4.14
N GLN A 117 -2.66 -8.80 3.65
CA GLN A 117 -2.24 -8.90 2.25
C GLN A 117 -3.44 -9.01 1.32
N THR A 118 -4.43 -9.88 1.67
CA THR A 118 -5.66 -10.10 0.90
C THR A 118 -6.44 -8.78 0.74
N LEU A 119 -6.65 -8.04 1.85
CA LEU A 119 -7.37 -6.75 1.87
C LEU A 119 -6.62 -5.63 1.16
N GLU A 120 -5.28 -5.61 1.32
CA GLU A 120 -4.46 -4.57 0.68
C GLU A 120 -4.50 -4.69 -0.85
N LYS A 121 -4.55 -5.92 -1.39
CA LYS A 121 -4.65 -6.17 -2.83
C LYS A 121 -5.95 -5.56 -3.38
N ILE A 122 -7.09 -5.78 -2.66
CA ILE A 122 -8.39 -5.21 -3.02
C ILE A 122 -8.32 -3.68 -2.99
N PHE A 123 -7.72 -3.12 -1.92
CA PHE A 123 -7.51 -1.67 -1.72
C PHE A 123 -6.79 -1.04 -2.93
N LEU A 124 -5.65 -1.63 -3.32
CA LEU A 124 -4.82 -1.18 -4.44
C LEU A 124 -5.60 -1.18 -5.78
N GLN A 125 -6.35 -2.28 -6.08
CA GLN A 125 -7.16 -2.42 -7.29
C GLN A 125 -8.22 -1.31 -7.36
N LYS A 126 -8.91 -1.08 -6.23
CA LYS A 126 -9.93 -0.02 -6.15
C LYS A 126 -9.32 1.37 -6.32
N VAL A 127 -8.12 1.61 -5.72
CA VAL A 127 -7.43 2.92 -5.85
C VAL A 127 -7.08 3.18 -7.35
N ALA A 128 -6.69 2.12 -8.08
CA ALA A 128 -6.39 2.20 -9.52
C ALA A 128 -7.59 2.68 -10.36
N SER A 129 -8.83 2.29 -9.97
CA SER A 129 -10.09 2.66 -10.67
C SER A 129 -10.73 3.98 -10.18
N MET A 130 -10.09 4.67 -9.24
CA MET A 130 -10.55 5.92 -8.64
C MET A 130 -10.53 7.06 -9.68
N PRO A 131 -11.51 8.01 -9.66
CA PRO A 131 -11.42 9.18 -10.58
C PRO A 131 -10.08 9.88 -10.34
N GLN A 132 -9.32 10.09 -11.42
CA GLN A 132 -7.94 10.58 -11.39
C GLN A 132 -7.72 12.03 -10.88
N GLU A 133 -8.71 12.93 -11.01
CA GLU A 133 -8.53 14.33 -10.55
C GLU A 133 -9.47 14.63 -9.38
N GLU A 134 -8.89 15.14 -8.28
CA GLU A 134 -9.61 15.46 -7.07
C GLU A 134 -10.37 16.78 -7.18
N GLN A 135 -11.70 16.74 -6.98
CA GLN A 135 -12.60 17.90 -7.08
C GLN A 135 -13.57 17.88 -5.93
N GLU A 136 -13.81 19.04 -5.30
CA GLU A 136 -14.78 19.12 -4.22
C GLU A 136 -16.20 19.00 -4.80
N LEU A 137 -17.11 18.34 -4.07
CA LEU A 137 -18.50 18.18 -4.46
C LEU A 137 -19.39 19.06 -3.62
N VAL A 138 -20.53 19.45 -4.20
CA VAL A 138 -21.56 20.21 -3.53
C VAL A 138 -22.56 19.15 -3.06
N VAL A 139 -22.54 18.84 -1.78
CA VAL A 139 -23.48 17.85 -1.27
C VAL A 139 -24.33 18.55 -0.23
N THR A 140 -25.62 18.68 -0.55
CA THR A 140 -26.63 19.38 0.26
C THR A 140 -27.13 18.53 1.45
N GLY B 23 2.31 -9.81 -22.94
CA GLY B 23 2.79 -8.79 -23.85
C GLY B 23 1.71 -7.86 -24.38
N ARG B 24 1.80 -6.56 -24.02
CA ARG B 24 0.85 -5.48 -24.41
C ARG B 24 1.31 -4.08 -23.93
N VAL B 25 0.86 -3.01 -24.62
CA VAL B 25 1.02 -1.60 -24.21
C VAL B 25 -0.40 -1.04 -23.95
N THR B 26 -0.67 -0.63 -22.69
CA THR B 26 -1.96 -0.03 -22.31
C THR B 26 -1.65 1.36 -21.80
N ASN B 27 -2.69 2.22 -21.64
CA ASN B 27 -2.52 3.59 -21.13
C ASN B 27 -2.02 3.59 -19.68
N GLN B 28 -2.51 2.62 -18.86
CA GLN B 28 -2.14 2.48 -17.46
C GLN B 28 -0.72 1.98 -17.32
N LEU B 29 -0.30 1.02 -18.17
CA LEU B 29 1.07 0.49 -18.17
C LEU B 29 2.09 1.54 -18.58
N GLN B 30 1.72 2.40 -19.54
CA GLN B 30 2.55 3.52 -20.02
C GLN B 30 2.69 4.57 -18.92
N TYR B 31 1.59 4.82 -18.15
CA TYR B 31 1.58 5.72 -17.01
C TYR B 31 2.51 5.16 -15.90
N LEU B 32 2.44 3.83 -15.65
CA LEU B 32 3.28 3.17 -14.64
C LEU B 32 4.78 3.31 -14.97
N HIS B 33 5.13 3.31 -16.26
CA HIS B 33 6.49 3.44 -16.78
C HIS B 33 6.95 4.89 -16.78
N LYS B 34 6.21 5.76 -17.51
CA LYS B 34 6.55 7.17 -17.71
C LYS B 34 6.34 8.07 -16.50
N VAL B 35 5.36 7.76 -15.62
CA VAL B 35 5.09 8.61 -14.45
C VAL B 35 5.59 7.98 -13.13
N VAL B 36 5.05 6.80 -12.76
CA VAL B 36 5.33 6.10 -11.50
C VAL B 36 6.80 5.72 -11.35
N MET B 37 7.35 4.92 -12.29
CA MET B 37 8.75 4.47 -12.27
C MET B 37 9.74 5.65 -12.35
N LYS B 38 9.38 6.71 -13.08
CA LYS B 38 10.20 7.92 -13.19
C LYS B 38 10.35 8.61 -11.82
N ALA B 39 9.26 8.70 -11.03
CA ALA B 39 9.28 9.35 -9.72
C ALA B 39 10.06 8.53 -8.68
N LEU B 40 9.94 7.18 -8.75
CA LEU B 40 10.53 6.27 -7.79
C LEU B 40 11.98 5.94 -8.02
N TRP B 41 12.40 5.71 -9.28
CA TRP B 41 13.76 5.28 -9.66
C TRP B 41 14.90 6.17 -9.18
N LYS B 42 14.75 7.48 -9.29
CA LYS B 42 15.86 8.37 -8.95
C LYS B 42 15.80 8.90 -7.52
N HIS B 43 14.72 8.56 -6.75
CA HIS B 43 14.53 8.97 -5.35
C HIS B 43 15.76 8.59 -4.48
N GLN B 44 16.11 9.42 -3.48
CA GLN B 44 17.28 9.18 -2.60
C GLN B 44 17.18 7.85 -1.79
N PHE B 45 15.95 7.34 -1.59
CA PHE B 45 15.73 6.09 -0.87
C PHE B 45 15.56 4.88 -1.78
N ALA B 46 15.64 5.04 -3.13
CA ALA B 46 15.44 3.96 -4.08
C ALA B 46 16.56 2.91 -4.15
N TRP B 47 17.83 3.29 -3.91
CA TRP B 47 19.01 2.43 -4.13
C TRP B 47 18.90 0.98 -3.57
N PRO B 48 18.33 0.64 -2.36
CA PRO B 48 18.28 -0.79 -1.97
C PRO B 48 17.26 -1.59 -2.76
N PHE B 49 16.32 -0.90 -3.41
CA PHE B 49 15.21 -1.47 -4.17
C PHE B 49 15.49 -1.61 -5.69
N ARG B 50 16.58 -0.99 -6.19
CA ARG B 50 16.95 -1.01 -7.63
C ARG B 50 17.47 -2.35 -8.17
N GLN B 51 17.98 -3.22 -7.26
CA GLN B 51 18.58 -4.53 -7.53
C GLN B 51 17.94 -5.61 -6.63
N PRO B 52 17.92 -6.92 -7.01
CA PRO B 52 17.38 -7.94 -6.07
C PRO B 52 18.16 -7.98 -4.76
N VAL B 53 17.50 -8.39 -3.68
CA VAL B 53 18.15 -8.48 -2.35
C VAL B 53 19.28 -9.49 -2.48
N ASP B 54 20.52 -9.06 -2.09
CA ASP B 54 21.69 -9.95 -2.06
C ASP B 54 21.88 -10.43 -0.61
N ALA B 55 21.15 -11.49 -0.24
CA ALA B 55 21.13 -12.07 1.11
C ALA B 55 22.48 -12.66 1.55
N VAL B 56 23.29 -13.16 0.60
CA VAL B 56 24.63 -13.70 0.93
C VAL B 56 25.56 -12.53 1.38
N LYS B 57 25.63 -11.44 0.59
CA LYS B 57 26.44 -10.25 0.96
C LYS B 57 25.99 -9.66 2.29
N LEU B 58 24.67 -9.53 2.52
CA LEU B 58 24.08 -8.92 3.73
C LEU B 58 24.07 -9.84 4.94
N GLY B 59 24.40 -11.10 4.73
CA GLY B 59 24.44 -12.09 5.79
C GLY B 59 23.06 -12.37 6.35
N LEU B 60 22.06 -12.58 5.46
CA LEU B 60 20.66 -12.90 5.83
C LEU B 60 20.28 -14.33 5.34
N PRO B 61 20.78 -15.41 6.01
CA PRO B 61 20.52 -16.78 5.49
C PRO B 61 19.07 -17.27 5.55
N ASP B 62 18.20 -16.56 6.31
CA ASP B 62 16.79 -16.91 6.43
C ASP B 62 15.90 -16.18 5.40
N TYR B 63 16.45 -15.19 4.65
CA TYR B 63 15.70 -14.36 3.70
C TYR B 63 14.90 -15.19 2.68
N HIS B 64 15.54 -16.10 1.97
CA HIS B 64 14.87 -16.92 0.95
C HIS B 64 14.03 -18.05 1.56
N LYS B 65 14.15 -18.31 2.88
CA LYS B 65 13.28 -19.29 3.57
C LYS B 65 11.95 -18.58 3.89
N ILE B 66 12.01 -17.31 4.31
CA ILE B 66 10.85 -16.48 4.64
C ILE B 66 10.18 -15.89 3.39
N ILE B 67 10.97 -15.25 2.49
CA ILE B 67 10.46 -14.60 1.27
C ILE B 67 10.48 -15.58 0.10
N LYS B 68 9.28 -15.97 -0.34
CA LYS B 68 9.08 -16.94 -1.42
C LYS B 68 9.05 -16.33 -2.81
N GLN B 69 8.70 -15.03 -2.93
CA GLN B 69 8.63 -14.32 -4.21
C GLN B 69 9.39 -12.99 -4.16
N PRO B 70 10.75 -13.03 -4.27
CA PRO B 70 11.51 -11.76 -4.28
C PRO B 70 11.13 -10.87 -5.47
N MET B 71 11.16 -9.55 -5.26
CA MET B 71 10.85 -8.55 -6.27
C MET B 71 11.61 -7.27 -5.98
N ASP B 72 11.97 -6.52 -7.04
CA ASP B 72 12.73 -5.27 -6.96
C ASP B 72 12.33 -4.36 -8.14
N MET B 73 12.69 -3.06 -8.08
CA MET B 73 12.38 -2.05 -9.11
C MET B 73 13.09 -2.26 -10.45
N GLY B 74 14.29 -2.83 -10.41
CA GLY B 74 15.07 -3.13 -11.62
C GLY B 74 14.34 -4.13 -12.51
N THR B 75 13.78 -5.19 -11.89
CA THR B 75 12.99 -6.25 -12.54
C THR B 75 11.71 -5.61 -13.11
N ILE B 76 11.02 -4.75 -12.32
CA ILE B 76 9.79 -4.08 -12.76
C ILE B 76 10.07 -3.17 -13.98
N LYS B 77 11.14 -2.34 -13.90
CA LYS B 77 11.57 -1.42 -14.95
C LYS B 77 11.83 -2.17 -16.26
N ARG B 78 12.66 -3.23 -16.18
CA ARG B 78 13.02 -4.09 -17.30
C ARG B 78 11.75 -4.71 -17.92
N ARG B 79 10.82 -5.19 -17.07
CA ARG B 79 9.55 -5.78 -17.50
C ARG B 79 8.67 -4.73 -18.23
N LEU B 80 8.68 -3.47 -17.76
CA LEU B 80 7.93 -2.39 -18.42
C LEU B 80 8.52 -2.04 -19.79
N GLU B 81 9.86 -1.97 -19.87
CA GLU B 81 10.60 -1.66 -21.11
C GLU B 81 10.47 -2.75 -22.18
N ASN B 82 10.29 -4.01 -21.78
CA ASN B 82 10.19 -5.13 -22.71
C ASN B 82 8.76 -5.58 -22.94
N ASN B 83 7.77 -4.78 -22.51
CA ASN B 83 6.33 -5.10 -22.65
C ASN B 83 5.99 -6.53 -22.17
N TYR B 84 6.46 -6.90 -20.97
CA TYR B 84 6.24 -8.21 -20.36
C TYR B 84 4.81 -8.37 -19.81
N TYR B 85 4.22 -7.28 -19.32
CA TYR B 85 2.90 -7.30 -18.69
C TYR B 85 1.77 -7.21 -19.70
N TRP B 86 0.75 -8.03 -19.48
CA TRP B 86 -0.48 -8.00 -20.28
C TRP B 86 -1.38 -6.85 -19.75
N ALA B 87 -1.46 -6.70 -18.40
CA ALA B 87 -2.29 -5.69 -17.73
C ALA B 87 -1.54 -5.00 -16.59
N ALA B 88 -1.89 -3.72 -16.33
CA ALA B 88 -1.34 -2.88 -15.28
C ALA B 88 -1.43 -3.49 -13.87
N SER B 89 -2.47 -4.30 -13.61
CA SER B 89 -2.69 -4.99 -12.33
C SER B 89 -1.53 -5.93 -11.96
N GLU B 90 -0.90 -6.55 -12.97
CA GLU B 90 0.25 -7.46 -12.81
C GLU B 90 1.47 -6.66 -12.36
N CYS B 91 1.68 -5.46 -12.94
CA CYS B 91 2.76 -4.54 -12.58
C CYS B 91 2.55 -3.98 -11.16
N MET B 92 1.30 -3.62 -10.81
CA MET B 92 0.93 -3.09 -9.49
C MET B 92 1.12 -4.14 -8.39
N GLN B 93 0.89 -5.42 -8.74
CA GLN B 93 1.12 -6.55 -7.86
C GLN B 93 2.63 -6.69 -7.55
N ASP B 94 3.50 -6.50 -8.56
CA ASP B 94 4.96 -6.59 -8.37
C ASP B 94 5.45 -5.52 -7.38
N PHE B 95 4.92 -4.28 -7.49
CA PHE B 95 5.25 -3.18 -6.58
C PHE B 95 4.79 -3.54 -5.16
N ASN B 96 3.55 -4.04 -5.01
CA ASN B 96 2.98 -4.47 -3.76
C ASN B 96 3.84 -5.57 -3.08
N THR B 97 4.26 -6.59 -3.85
CA THR B 97 5.12 -7.69 -3.39
C THR B 97 6.46 -7.16 -2.87
N MET B 98 7.11 -6.27 -3.64
CA MET B 98 8.40 -5.66 -3.27
C MET B 98 8.31 -4.95 -1.89
N PHE B 99 7.27 -4.10 -1.70
CA PHE B 99 7.07 -3.35 -0.44
C PHE B 99 6.74 -4.27 0.74
N THR B 100 5.78 -5.19 0.53
CA THR B 100 5.32 -6.18 1.53
C THR B 100 6.46 -7.12 1.98
N ASN B 101 7.32 -7.58 1.05
CA ASN B 101 8.48 -8.43 1.34
C ASN B 101 9.40 -7.73 2.36
N CYS B 102 9.63 -6.43 2.13
CA CYS B 102 10.43 -5.55 2.97
C CYS B 102 9.87 -5.41 4.39
N TYR B 103 8.56 -5.11 4.52
CA TYR B 103 7.92 -4.95 5.84
C TYR B 103 7.83 -6.25 6.63
N ILE B 104 7.47 -7.36 5.98
CA ILE B 104 7.31 -8.66 6.65
C ILE B 104 8.64 -9.24 7.12
N TYR B 105 9.69 -9.14 6.28
CA TYR B 105 11.00 -9.67 6.63
C TYR B 105 11.73 -8.88 7.72
N ASN B 106 11.76 -7.56 7.58
CA ASN B 106 12.55 -6.69 8.44
C ASN B 106 11.94 -6.40 9.80
N LYS B 107 12.79 -5.86 10.70
CA LYS B 107 12.41 -5.45 12.05
C LYS B 107 11.71 -4.12 11.95
N PRO B 108 10.64 -3.88 12.73
CA PRO B 108 9.90 -2.60 12.59
C PRO B 108 10.72 -1.31 12.84
N THR B 109 11.86 -1.41 13.54
CA THR B 109 12.76 -0.29 13.88
C THR B 109 13.90 -0.10 12.84
N ASP B 110 14.01 -1.03 11.86
CA ASP B 110 15.02 -0.91 10.81
C ASP B 110 14.67 0.25 9.89
N ASP B 111 15.69 1.03 9.50
CA ASP B 111 15.55 2.20 8.61
C ASP B 111 15.03 1.88 7.24
N ILE B 112 15.25 0.63 6.76
CA ILE B 112 14.75 0.16 5.46
C ILE B 112 13.20 0.32 5.35
N VAL B 113 12.52 0.11 6.48
CA VAL B 113 11.07 0.18 6.63
C VAL B 113 10.56 1.59 6.33
N LEU B 114 11.24 2.62 6.88
CA LEU B 114 10.92 4.04 6.63
C LEU B 114 11.21 4.41 5.14
N MET B 115 12.28 3.84 4.56
CA MET B 115 12.62 4.05 3.16
C MET B 115 11.54 3.47 2.27
N ALA B 116 11.06 2.23 2.59
CA ALA B 116 9.97 1.58 1.82
C ALA B 116 8.67 2.39 1.95
N GLN B 117 8.36 2.87 3.16
CA GLN B 117 7.14 3.63 3.41
C GLN B 117 7.12 4.96 2.62
N THR B 118 8.28 5.64 2.54
CA THR B 118 8.42 6.89 1.77
C THR B 118 8.09 6.65 0.28
N LEU B 119 8.63 5.57 -0.30
CA LEU B 119 8.42 5.19 -1.71
C LEU B 119 7.01 4.66 -1.96
N GLU B 120 6.47 3.89 -1.02
CA GLU B 120 5.12 3.35 -1.17
C GLU B 120 4.07 4.47 -1.16
N LYS B 121 4.27 5.53 -0.36
CA LYS B 121 3.37 6.69 -0.31
C LYS B 121 3.30 7.38 -1.68
N ILE B 122 4.46 7.59 -2.36
CA ILE B 122 4.56 8.20 -3.67
C ILE B 122 3.87 7.29 -4.68
N PHE B 123 4.13 5.97 -4.59
CA PHE B 123 3.53 4.95 -5.46
C PHE B 123 1.99 5.03 -5.42
N LEU B 124 1.41 5.03 -4.19
CA LEU B 124 -0.03 5.10 -3.94
C LEU B 124 -0.65 6.36 -4.51
N GLN B 125 -0.02 7.55 -4.27
CA GLN B 125 -0.47 8.85 -4.79
C GLN B 125 -0.50 8.84 -6.30
N LYS B 126 0.56 8.34 -6.96
CA LYS B 126 0.63 8.23 -8.40
C LYS B 126 -0.42 7.29 -8.95
N VAL B 127 -0.69 6.15 -8.26
CA VAL B 127 -1.73 5.19 -8.70
C VAL B 127 -3.12 5.86 -8.65
N ALA B 128 -3.38 6.69 -7.64
CA ALA B 128 -4.63 7.45 -7.50
C ALA B 128 -4.87 8.41 -8.70
N SER B 129 -3.80 9.01 -9.28
CA SER B 129 -3.86 9.95 -10.43
C SER B 129 -3.79 9.26 -11.81
N MET B 130 -3.73 7.93 -11.84
CA MET B 130 -3.65 7.11 -13.05
C MET B 130 -4.96 7.21 -13.84
N PRO B 131 -4.96 7.20 -15.21
CA PRO B 131 -6.24 7.14 -15.94
C PRO B 131 -7.03 5.91 -15.46
N GLN B 132 -8.28 6.11 -15.01
CA GLN B 132 -9.10 5.09 -14.37
C GLN B 132 -9.53 3.88 -15.23
N GLU B 133 -9.62 4.02 -16.58
CA GLU B 133 -10.01 2.91 -17.44
C GLU B 133 -8.84 2.42 -18.31
N GLU B 134 -8.55 1.11 -18.25
CA GLU B 134 -7.45 0.49 -19.00
C GLU B 134 -7.82 0.27 -20.46
N GLN B 135 -7.03 0.84 -21.38
CA GLN B 135 -7.23 0.75 -22.83
C GLN B 135 -5.92 0.47 -23.52
N GLU B 136 -5.94 -0.38 -24.57
CA GLU B 136 -4.78 -0.70 -25.40
C GLU B 136 -4.59 0.41 -26.45
#